data_9MIU
#
_entry.id   9MIU
#
_cell.length_a   46.986
_cell.length_b   62.627
_cell.length_c   88.501
_cell.angle_alpha   90.00
_cell.angle_beta   90.00
_cell.angle_gamma   90.00
#
_symmetry.space_group_name_H-M   'P 21 21 21'
#
loop_
_entity.id
_entity.type
_entity.pdbx_description
1 polymer 'Death-associated protein kinase 1'
2 non-polymer 6-chloro-N,N-dimethyl-5-(pyridin-4-yl)pyridazin-3-amine
3 non-polymer 'SULFATE ION'
4 water water
#
_entity_poly.entity_id   1
_entity_poly.type   'polypeptide(L)'
_entity_poly.pdbx_seq_one_letter_code
;TVFRQENVDDYYDTGEELGSGQFAVVKKCREKSTGLQYAAKFIKKRRTKSSRRGVSREDIEREVSILKEIQHPNVITLHE
VYENKTDVILILELVAGGELFDFLAEKESLTEEEATEFLKQILNGVYYLHSLQIAHFDLKPENIMLLDRNVPKPRIKIID
FGLAHKIDFGNEFKNIFGTPEFVAPEIVNYEPLGLEADMWSIGVITYILLSGASPFLGDTKQETLANVSAVNYEFEDEYF
SNTSALAKDFIRRLLVKDPKKRMTIQDSLQHPWIKPKDTQQALSSAWSHPQFEKSAWSHPQFEK
;
_entity_poly.pdbx_strand_id   A
#
# COMPACT_ATOMS: atom_id res chain seq x y z
N THR A 1 11.52 21.41 -4.07
CA THR A 1 10.84 22.01 -2.90
C THR A 1 11.68 21.78 -1.65
N VAL A 2 11.73 22.77 -0.75
N VAL A 2 11.67 22.78 -0.76
CA VAL A 2 12.50 22.60 0.46
CA VAL A 2 12.42 22.74 0.48
C VAL A 2 11.51 22.43 1.61
C VAL A 2 11.45 22.38 1.60
N PHE A 3 11.96 21.72 2.65
CA PHE A 3 11.11 21.43 3.80
C PHE A 3 11.69 22.13 5.03
N ARG A 4 10.95 22.03 6.13
CA ARG A 4 11.35 22.67 7.37
C ARG A 4 12.65 22.07 7.87
N GLN A 5 13.64 22.95 8.09
CA GLN A 5 14.95 22.47 8.50
C GLN A 5 15.20 22.68 9.99
N GLU A 6 14.19 23.06 10.77
CA GLU A 6 14.40 23.14 12.21
C GLU A 6 14.58 21.70 12.72
N ASN A 7 15.28 21.53 13.84
CA ASN A 7 15.49 20.22 14.44
C ASN A 7 14.12 19.69 14.86
N VAL A 8 13.74 18.52 14.35
CA VAL A 8 12.43 17.97 14.60
C VAL A 8 12.25 17.71 16.10
N ASP A 9 13.35 17.43 16.81
CA ASP A 9 13.30 17.16 18.25
C ASP A 9 12.90 18.41 19.03
N ASP A 10 12.90 19.57 18.38
CA ASP A 10 12.48 20.80 19.04
C ASP A 10 10.94 20.89 19.11
N TYR A 11 10.24 20.17 18.23
CA TYR A 11 8.79 20.29 18.15
C TYR A 11 8.08 18.98 18.51
N TYR A 12 8.82 17.87 18.55
CA TYR A 12 8.25 16.57 18.81
C TYR A 12 9.14 15.71 19.70
N ASP A 13 8.50 14.82 20.47
CA ASP A 13 9.19 13.79 21.25
C ASP A 13 8.88 12.48 20.56
N THR A 14 9.88 11.61 20.39
CA THR A 14 9.63 10.32 19.74
C THR A 14 9.55 9.22 20.80
N GLY A 15 8.97 8.09 20.40
CA GLY A 15 8.75 6.94 21.27
C GLY A 15 9.10 5.63 20.56
N GLU A 16 8.21 4.65 20.68
CA GLU A 16 8.44 3.31 20.15
C GLU A 16 8.50 3.31 18.63
N GLU A 17 9.26 2.35 18.07
CA GLU A 17 9.27 2.13 16.62
C GLU A 17 7.97 1.47 16.20
N LEU A 18 7.49 1.83 14.99
N LEU A 18 7.43 1.90 15.05
CA LEU A 18 6.26 1.30 14.43
CA LEU A 18 6.17 1.37 14.56
C LEU A 18 6.51 0.72 13.05
C LEU A 18 6.43 0.38 13.42
N GLY A 19 7.79 0.60 12.66
N GLY A 19 6.96 0.89 12.30
CA GLY A 19 8.15 0.07 11.36
CA GLY A 19 7.25 0.05 11.16
C GLY A 19 9.62 0.37 11.01
C GLY A 19 8.52 0.52 10.46
N SER A 20 10.29 -0.63 10.41
N SER A 20 8.74 0.01 9.25
CA SER A 20 11.66 -0.52 9.98
CA SER A 20 9.92 0.40 8.50
C SER A 20 11.77 -1.10 8.56
C SER A 20 9.74 0.12 7.01
N GLY A 21 12.24 -0.29 7.61
N GLY A 21 10.86 0.27 6.31
CA GLY A 21 12.35 -0.71 6.23
CA GLY A 21 10.95 0.04 4.88
C GLY A 21 13.76 -0.51 5.68
C GLY A 21 12.41 0.19 4.48
N GLN A 22 13.93 -0.78 4.38
N GLN A 22 12.71 0.00 3.20
CA GLN A 22 15.22 -0.68 3.73
CA GLN A 22 14.09 0.18 2.79
C GLN A 22 15.80 0.73 3.83
C GLN A 22 14.45 1.65 3.03
N PHE A 23 14.96 1.75 3.56
N PHE A 23 15.56 1.87 3.73
CA PHE A 23 15.42 3.13 3.56
CA PHE A 23 16.07 3.21 4.00
C PHE A 23 14.63 4.00 4.52
C PHE A 23 15.06 4.05 4.79
N ALA A 24 13.82 3.40 5.40
N ALA A 24 14.17 3.40 5.57
CA ALA A 24 13.05 4.22 6.32
CA ALA A 24 13.19 4.16 6.34
C ALA A 24 12.83 3.52 7.67
C ALA A 24 12.92 3.51 7.70
N VAL A 25 12.65 4.36 8.70
CA VAL A 25 12.33 3.92 10.04
C VAL A 25 11.16 4.79 10.48
N VAL A 26 10.16 4.17 11.13
CA VAL A 26 8.98 4.89 11.57
C VAL A 26 8.93 4.83 13.08
N LYS A 27 8.70 6.00 13.71
CA LYS A 27 8.62 6.11 15.15
C LYS A 27 7.39 6.90 15.57
N LYS A 28 6.72 6.42 16.63
CA LYS A 28 5.62 7.16 17.19
C LYS A 28 6.19 8.47 17.73
N CYS A 29 5.43 9.55 17.61
CA CYS A 29 5.86 10.83 18.14
C CYS A 29 4.67 11.63 18.65
N ARG A 30 4.99 12.68 19.41
CA ARG A 30 4.00 13.57 20.02
C ARG A 30 4.46 15.01 19.83
N GLU A 31 3.58 15.82 19.21
CA GLU A 31 3.86 17.23 18.99
C GLU A 31 3.76 17.94 20.34
N LYS A 32 4.79 18.73 20.67
CA LYS A 32 4.86 19.42 21.95
C LYS A 32 3.79 20.50 22.10
N SER A 33 3.46 21.20 21.02
CA SER A 33 2.52 22.31 21.09
C SER A 33 1.06 21.86 21.17
N THR A 34 0.74 20.63 20.74
CA THR A 34 -0.66 20.21 20.76
C THR A 34 -0.90 18.98 21.60
N GLY A 35 0.16 18.22 21.86
CA GLY A 35 0.03 16.97 22.59
C GLY A 35 -0.52 15.86 21.70
N LEU A 36 -0.74 16.16 20.40
CA LEU A 36 -1.26 15.16 19.48
C LEU A 36 -0.14 14.25 19.01
N GLN A 37 -0.52 13.00 18.72
CA GLN A 37 0.42 11.96 18.34
C GLN A 37 0.34 11.66 16.84
N TYR A 38 1.52 11.32 16.30
CA TYR A 38 1.71 11.03 14.90
C TYR A 38 2.74 9.93 14.74
N ALA A 39 2.92 9.52 13.49
CA ALA A 39 3.96 8.60 13.11
C ALA A 39 5.00 9.38 12.30
N ALA A 40 6.26 9.38 12.77
CA ALA A 40 7.32 10.06 12.05
C ALA A 40 8.08 9.06 11.22
N LYS A 41 8.06 9.23 9.89
CA LYS A 41 8.77 8.35 8.97
C LYS A 41 10.07 9.04 8.54
N PHE A 42 11.21 8.50 8.98
CA PHE A 42 12.52 9.03 8.66
C PHE A 42 13.02 8.32 7.42
N ILE A 43 13.20 9.06 6.32
CA ILE A 43 13.63 8.49 5.06
C ILE A 43 15.05 8.95 4.78
N LYS A 44 15.95 7.99 4.59
CA LYS A 44 17.36 8.29 4.33
C LYS A 44 17.53 8.86 2.92
N LYS A 45 18.20 10.00 2.83
CA LYS A 45 18.49 10.66 1.56
C LYS A 45 19.73 10.05 0.90
N ARG A 46 19.83 10.21 -0.43
CA ARG A 46 21.01 9.79 -1.15
C ARG A 46 22.15 10.74 -0.80
N ARG A 47 23.33 10.15 -0.55
CA ARG A 47 24.49 10.92 -0.14
C ARG A 47 25.25 11.45 -1.36
N THR A 48 25.18 10.75 -2.50
CA THR A 48 25.84 11.25 -3.70
C THR A 48 24.89 11.06 -4.89
N LYS A 49 25.09 11.93 -5.88
CA LYS A 49 24.29 12.00 -7.09
C LYS A 49 23.89 10.61 -7.58
N SER A 50 24.87 9.71 -7.69
CA SER A 50 24.62 8.37 -8.23
C SER A 50 24.83 7.27 -7.19
N SER A 51 24.42 7.53 -5.94
CA SER A 51 24.54 6.50 -4.91
C SER A 51 23.37 5.55 -5.05
N ARG A 52 23.55 4.30 -4.60
CA ARG A 52 22.50 3.30 -4.69
C ARG A 52 21.73 3.25 -3.37
N ARG A 53 22.35 3.72 -2.29
CA ARG A 53 21.70 3.72 -0.98
C ARG A 53 20.93 5.03 -0.83
N GLY A 54 19.83 4.98 -0.08
CA GLY A 54 19.02 6.17 0.13
C GLY A 54 18.02 6.41 -1.00
N VAL A 55 17.10 7.34 -0.77
CA VAL A 55 16.07 7.68 -1.73
C VAL A 55 16.43 9.01 -2.40
N SER A 56 16.28 9.05 -3.73
CA SER A 56 16.58 10.25 -4.50
C SER A 56 15.62 11.36 -4.08
N ARG A 57 16.09 12.60 -4.20
CA ARG A 57 15.26 13.74 -3.83
C ARG A 57 14.01 13.76 -4.69
N GLU A 58 14.15 13.36 -5.95
CA GLU A 58 13.04 13.31 -6.90
C GLU A 58 11.96 12.36 -6.37
N ASP A 59 12.35 11.18 -5.90
CA ASP A 59 11.41 10.21 -5.36
C ASP A 59 10.74 10.72 -4.09
N ILE A 60 11.50 11.39 -3.23
CA ILE A 60 10.92 11.90 -2.00
C ILE A 60 9.92 13.02 -2.32
N GLU A 61 10.27 13.88 -3.28
CA GLU A 61 9.40 14.98 -3.62
C GLU A 61 8.08 14.48 -4.22
N ARG A 62 8.15 13.45 -5.05
CA ARG A 62 6.95 12.89 -5.65
C ARG A 62 6.02 12.36 -4.55
N GLU A 63 6.58 11.59 -3.60
CA GLU A 63 5.81 11.03 -2.50
C GLU A 63 5.12 12.14 -1.72
N VAL A 64 5.88 13.19 -1.41
CA VAL A 64 5.33 14.28 -0.62
C VAL A 64 4.21 14.98 -1.38
N SER A 65 4.40 15.19 -2.69
N SER A 65 4.40 15.20 -2.69
CA SER A 65 3.43 15.87 -3.53
CA SER A 65 3.42 15.87 -3.53
C SER A 65 2.09 15.12 -3.51
C SER A 65 2.08 15.11 -3.50
N ILE A 66 2.16 13.78 -3.63
CA ILE A 66 0.98 12.93 -3.61
C ILE A 66 0.34 12.97 -2.23
N LEU A 67 1.15 12.85 -1.18
CA LEU A 67 0.61 12.87 0.18
C LEU A 67 -0.10 14.20 0.46
N LYS A 68 0.46 15.34 -0.01
CA LYS A 68 -0.16 16.62 0.30
C LYS A 68 -1.53 16.77 -0.37
N GLU A 69 -1.79 15.98 -1.39
CA GLU A 69 -3.02 16.11 -2.14
C GLU A 69 -4.17 15.29 -1.55
N ILE A 70 -3.86 14.26 -0.76
CA ILE A 70 -4.90 13.32 -0.34
C ILE A 70 -5.48 13.62 1.04
N GLN A 71 -6.79 13.39 1.14
CA GLN A 71 -7.58 13.55 2.36
C GLN A 71 -8.82 12.70 2.15
N HIS A 72 -8.86 11.55 2.81
CA HIS A 72 -9.93 10.59 2.66
C HIS A 72 -9.84 9.65 3.85
N PRO A 73 -10.98 9.19 4.41
CA PRO A 73 -10.97 8.32 5.58
C PRO A 73 -10.13 7.05 5.47
N ASN A 74 -9.91 6.58 4.25
CA ASN A 74 -9.21 5.31 4.07
C ASN A 74 -7.78 5.48 3.58
N VAL A 75 -7.24 6.69 3.65
N VAL A 75 -7.24 6.69 3.69
CA VAL A 75 -5.86 6.92 3.29
CA VAL A 75 -5.88 6.97 3.26
C VAL A 75 -5.22 7.70 4.43
C VAL A 75 -5.19 7.82 4.33
N ILE A 76 -3.91 7.52 4.59
CA ILE A 76 -3.16 8.23 5.61
C ILE A 76 -3.03 9.70 5.21
N THR A 77 -2.96 10.58 6.23
N THR A 77 -2.94 10.58 6.21
CA THR A 77 -2.85 12.02 6.05
CA THR A 77 -2.84 12.01 5.97
C THR A 77 -1.45 12.48 6.42
C THR A 77 -1.47 12.49 6.42
N LEU A 78 -0.92 13.45 5.68
CA LEU A 78 0.39 14.02 5.97
C LEU A 78 0.17 15.28 6.82
N HIS A 79 0.88 15.37 7.95
CA HIS A 79 0.76 16.50 8.85
C HIS A 79 1.80 17.58 8.56
N GLU A 80 3.08 17.19 8.42
CA GLU A 80 4.15 18.13 8.19
C GLU A 80 5.36 17.39 7.65
N VAL A 81 6.31 18.14 7.07
CA VAL A 81 7.53 17.56 6.55
C VAL A 81 8.72 18.36 7.08
N TYR A 82 9.71 17.65 7.60
CA TYR A 82 10.98 18.22 8.05
C TYR A 82 12.12 17.58 7.26
N GLU A 83 13.29 18.20 7.29
CA GLU A 83 14.44 17.57 6.65
C GLU A 83 15.73 18.10 7.27
N ASN A 84 16.78 17.30 7.12
CA ASN A 84 18.13 17.65 7.54
C ASN A 84 19.05 17.00 6.51
N LYS A 85 20.35 17.05 6.73
CA LYS A 85 21.28 16.52 5.74
C LYS A 85 21.15 15.01 5.48
N THR A 86 20.72 14.23 6.47
N THR A 86 20.72 14.28 6.51
CA THR A 86 20.67 12.79 6.27
CA THR A 86 20.66 12.82 6.48
C THR A 86 19.27 12.28 5.92
C THR A 86 19.31 12.30 5.98
N ASP A 87 18.21 12.90 6.44
CA ASP A 87 16.88 12.41 6.18
C ASP A 87 15.83 13.44 5.85
N VAL A 88 14.73 12.93 5.26
CA VAL A 88 13.51 13.68 5.12
C VAL A 88 12.60 13.03 6.15
N ILE A 89 11.87 13.84 6.93
CA ILE A 89 11.03 13.31 7.99
C ILE A 89 9.57 13.68 7.72
N LEU A 90 8.76 12.65 7.44
CA LEU A 90 7.35 12.84 7.21
C LEU A 90 6.62 12.65 8.52
N ILE A 91 5.87 13.67 8.94
CA ILE A 91 5.03 13.53 10.12
C ILE A 91 3.64 13.14 9.59
N LEU A 92 3.27 11.87 9.82
CA LEU A 92 2.05 11.28 9.28
C LEU A 92 1.04 10.97 10.37
N GLU A 93 -0.21 10.80 9.95
CA GLU A 93 -1.26 10.43 10.86
C GLU A 93 -0.88 9.09 11.50
N LEU A 94 -1.07 8.98 12.82
CA LEU A 94 -0.80 7.75 13.54
C LEU A 94 -1.96 6.78 13.33
N VAL A 95 -1.64 5.55 12.91
CA VAL A 95 -2.61 4.49 12.71
C VAL A 95 -2.10 3.37 13.62
N ALA A 96 -2.72 3.23 14.81
CA ALA A 96 -2.13 2.41 15.87
C ALA A 96 -2.71 1.01 16.04
N GLY A 97 -3.47 0.49 15.07
CA GLY A 97 -4.09 -0.82 15.21
C GLY A 97 -3.28 -1.94 14.56
N GLY A 98 -2.11 -1.62 14.03
CA GLY A 98 -1.27 -2.64 13.42
C GLY A 98 -1.67 -2.92 11.98
N GLU A 99 -0.83 -3.72 11.31
CA GLU A 99 -1.02 -4.06 9.91
C GLU A 99 -2.12 -5.09 9.70
N LEU A 100 -2.79 -4.97 8.56
CA LEU A 100 -3.76 -5.97 8.16
C LEU A 100 -3.02 -7.30 8.09
N PHE A 101 -1.73 -7.25 7.73
CA PHE A 101 -0.90 -8.44 7.68
C PHE A 101 -0.85 -9.17 9.03
N ASP A 102 -0.63 -8.44 10.14
CA ASP A 102 -0.53 -9.06 11.46
C ASP A 102 -1.89 -9.58 11.91
N PHE A 103 -2.95 -8.86 11.56
CA PHE A 103 -4.30 -9.26 11.94
C PHE A 103 -4.65 -10.59 11.25
N LEU A 104 -4.25 -10.71 9.98
CA LEU A 104 -4.51 -11.89 9.17
C LEU A 104 -3.81 -13.11 9.76
N ALA A 105 -2.57 -12.91 10.22
CA ALA A 105 -1.80 -13.99 10.84
C ALA A 105 -2.47 -14.41 12.15
N GLU A 106 -3.17 -13.47 12.79
CA GLU A 106 -3.86 -13.76 14.05
C GLU A 106 -5.13 -14.56 13.80
N LYS A 107 -5.74 -14.46 12.61
CA LYS A 107 -6.98 -15.18 12.36
C LYS A 107 -6.84 -16.36 11.39
N GLU A 108 -5.70 -16.49 10.69
CA GLU A 108 -5.49 -17.56 9.73
C GLU A 108 -6.10 -17.14 8.39
N SER A 109 -7.44 -17.04 8.36
CA SER A 109 -8.17 -16.59 7.19
C SER A 109 -9.49 -15.98 7.67
N LEU A 110 -10.11 -15.15 6.82
CA LEU A 110 -11.34 -14.46 7.19
C LEU A 110 -12.55 -15.10 6.51
N THR A 111 -13.73 -14.84 7.08
CA THR A 111 -15.00 -15.22 6.46
C THR A 111 -15.20 -14.24 5.31
N GLU A 112 -16.17 -14.51 4.42
CA GLU A 112 -16.43 -13.60 3.32
C GLU A 112 -16.92 -12.25 3.81
N GLU A 113 -17.76 -12.22 4.85
CA GLU A 113 -18.24 -10.93 5.35
C GLU A 113 -17.08 -10.11 5.93
N GLU A 114 -16.21 -10.75 6.72
CA GLU A 114 -15.08 -10.05 7.30
C GLU A 114 -14.16 -9.55 6.18
N ALA A 115 -13.95 -10.40 5.17
CA ALA A 115 -13.10 -10.02 4.05
C ALA A 115 -13.73 -8.87 3.27
N THR A 116 -15.05 -8.89 3.04
CA THR A 116 -15.64 -7.81 2.27
C THR A 116 -15.70 -6.52 3.09
N GLU A 117 -15.74 -6.63 4.43
CA GLU A 117 -15.74 -5.47 5.32
C GLU A 117 -14.44 -4.70 5.11
N PHE A 118 -13.34 -5.44 5.05
CA PHE A 118 -12.06 -4.80 4.82
C PHE A 118 -11.92 -4.37 3.36
N LEU A 119 -12.33 -5.26 2.45
N LEU A 119 -12.29 -5.25 2.43
CA LEU A 119 -12.15 -5.01 1.03
CA LEU A 119 -12.13 -4.97 1.01
C LEU A 119 -12.90 -3.77 0.56
C LEU A 119 -12.88 -3.71 0.59
N LYS A 120 -14.13 -3.56 1.05
CA LYS A 120 -14.91 -2.39 0.66
C LYS A 120 -14.17 -1.09 0.99
N GLN A 121 -13.53 -1.03 2.16
CA GLN A 121 -12.78 0.15 2.57
C GLN A 121 -11.54 0.33 1.68
N ILE A 122 -10.87 -0.79 1.35
CA ILE A 122 -9.71 -0.73 0.48
C ILE A 122 -10.16 -0.18 -0.88
N LEU A 123 -11.25 -0.74 -1.41
CA LEU A 123 -11.79 -0.30 -2.69
C LEU A 123 -12.15 1.19 -2.65
N ASN A 124 -12.78 1.65 -1.57
CA ASN A 124 -13.15 3.07 -1.45
C ASN A 124 -11.90 3.95 -1.48
N GLY A 125 -10.86 3.52 -0.74
CA GLY A 125 -9.62 4.27 -0.71
C GLY A 125 -8.97 4.32 -2.10
N VAL A 126 -8.96 3.18 -2.79
CA VAL A 126 -8.36 3.11 -4.10
C VAL A 126 -9.23 3.88 -5.11
N TYR A 127 -10.54 3.90 -4.92
CA TYR A 127 -11.43 4.65 -5.80
C TYR A 127 -11.07 6.14 -5.72
N TYR A 128 -10.83 6.62 -4.51
CA TYR A 128 -10.41 7.99 -4.30
C TYR A 128 -9.09 8.28 -5.04
N LEU A 129 -8.10 7.39 -4.86
CA LEU A 129 -6.79 7.59 -5.46
C LEU A 129 -6.86 7.58 -6.99
N HIS A 130 -7.54 6.58 -7.53
CA HIS A 130 -7.69 6.43 -8.97
C HIS A 130 -8.45 7.63 -9.55
N SER A 131 -9.44 8.15 -8.80
CA SER A 131 -10.20 9.31 -9.24
C SER A 131 -9.25 10.47 -9.44
N LEU A 132 -8.19 10.51 -8.63
CA LEU A 132 -7.16 11.52 -8.70
C LEU A 132 -6.05 11.14 -9.68
N GLN A 133 -6.21 10.00 -10.38
CA GLN A 133 -5.22 9.49 -11.32
C GLN A 133 -3.92 9.12 -10.60
N ILE A 134 -4.05 8.68 -9.34
CA ILE A 134 -2.90 8.24 -8.56
C ILE A 134 -2.90 6.72 -8.51
N ALA A 135 -1.81 6.11 -9.02
CA ALA A 135 -1.58 4.69 -8.88
C ALA A 135 -0.71 4.53 -7.64
N HIS A 136 -1.10 3.61 -6.76
CA HIS A 136 -0.37 3.35 -5.52
C HIS A 136 0.91 2.55 -5.80
N PHE A 137 0.74 1.44 -6.52
CA PHE A 137 1.82 0.55 -6.97
C PHE A 137 2.47 -0.25 -5.84
N ASP A 138 1.93 -0.23 -4.62
CA ASP A 138 2.55 -1.06 -3.59
C ASP A 138 1.47 -1.58 -2.65
N LEU A 139 0.29 -1.92 -3.18
CA LEU A 139 -0.78 -2.43 -2.34
C LEU A 139 -0.49 -3.86 -1.92
N LYS A 140 -0.54 -4.08 -0.61
CA LYS A 140 -0.32 -5.39 0.00
C LYS A 140 -0.76 -5.30 1.45
N PRO A 141 -1.01 -6.44 2.14
CA PRO A 141 -1.48 -6.40 3.52
C PRO A 141 -0.63 -5.59 4.49
N GLU A 142 0.68 -5.54 4.27
CA GLU A 142 1.56 -4.78 5.14
C GLU A 142 1.31 -3.27 5.04
N ASN A 143 0.79 -2.80 3.89
CA ASN A 143 0.54 -1.38 3.66
C ASN A 143 -0.91 -0.97 3.93
N ILE A 144 -1.65 -1.85 4.62
N ILE A 144 -1.65 -1.83 4.64
CA ILE A 144 -2.99 -1.58 5.10
CA ILE A 144 -3.03 -1.57 5.00
C ILE A 144 -2.90 -1.60 6.62
C ILE A 144 -3.16 -1.79 6.50
N MET A 145 -3.35 -0.52 7.27
N MET A 145 -3.27 -0.68 7.24
CA MET A 145 -3.26 -0.37 8.72
CA MET A 145 -3.32 -0.80 8.67
C MET A 145 -4.65 -0.14 9.33
C MET A 145 -4.73 -0.53 9.18
N LEU A 146 -4.92 -0.78 10.48
CA LEU A 146 -6.17 -0.61 11.18
C LEU A 146 -6.04 0.51 12.22
N LEU A 147 -7.10 1.29 12.38
CA LEU A 147 -7.13 2.34 13.41
C LEU A 147 -7.23 1.70 14.79
N ASP A 148 -8.04 0.63 14.91
CA ASP A 148 -8.23 -0.10 16.17
C ASP A 148 -8.47 -1.59 15.83
N ARG A 149 -7.57 -2.46 16.30
CA ARG A 149 -7.64 -3.87 15.95
C ARG A 149 -8.60 -4.66 16.86
N ASN A 150 -9.13 -4.07 17.93
CA ASN A 150 -9.96 -4.82 18.87
C ASN A 150 -11.45 -4.53 18.73
N VAL A 151 -11.90 -4.11 17.54
CA VAL A 151 -13.32 -3.87 17.31
C VAL A 151 -13.80 -4.92 16.30
N PRO A 152 -15.12 -5.22 16.23
CA PRO A 152 -15.61 -6.24 15.30
C PRO A 152 -15.41 -5.92 13.82
N LYS A 153 -15.54 -4.63 13.47
CA LYS A 153 -15.41 -4.16 12.10
C LYS A 153 -14.38 -3.03 12.05
N PRO A 154 -13.07 -3.34 12.03
CA PRO A 154 -12.04 -2.30 12.01
C PRO A 154 -12.04 -1.35 10.81
N ARG A 155 -11.63 -0.09 11.04
CA ARG A 155 -11.49 0.92 10.00
C ARG A 155 -10.05 0.83 9.47
N ILE A 156 -9.86 0.93 8.16
CA ILE A 156 -8.49 0.79 7.66
C ILE A 156 -8.05 2.01 6.88
N LYS A 157 -6.73 2.15 6.79
N LYS A 157 -6.72 2.13 6.79
CA LYS A 157 -6.14 3.20 6.00
CA LYS A 157 -6.02 3.21 6.13
C LYS A 157 -4.98 2.62 5.21
C LYS A 157 -4.93 2.64 5.23
N ILE A 158 -4.90 3.06 3.96
CA ILE A 158 -3.83 2.71 3.07
C ILE A 158 -2.64 3.60 3.41
N ILE A 159 -1.46 2.98 3.53
CA ILE A 159 -0.25 3.71 3.83
C ILE A 159 0.80 3.41 2.76
N ASP A 160 1.94 4.10 2.95
CA ASP A 160 3.16 3.93 2.17
C ASP A 160 2.96 4.30 0.70
N PHE A 161 3.13 5.59 0.41
CA PHE A 161 3.01 6.14 -0.93
C PHE A 161 4.38 6.28 -1.60
N GLY A 162 5.33 5.47 -1.15
CA GLY A 162 6.71 5.48 -1.65
C GLY A 162 6.86 5.14 -3.12
N LEU A 163 5.91 4.38 -3.70
CA LEU A 163 5.98 4.03 -5.11
C LEU A 163 4.87 4.71 -5.91
N ALA A 164 4.01 5.47 -5.25
CA ALA A 164 2.85 6.06 -5.93
C ALA A 164 3.25 7.08 -7.00
N HIS A 165 2.49 7.10 -8.09
CA HIS A 165 2.74 8.00 -9.19
C HIS A 165 1.44 8.52 -9.78
N LYS A 166 1.51 9.77 -10.25
N LYS A 166 1.46 9.78 -10.24
CA LYS A 166 0.44 10.35 -11.02
CA LYS A 166 0.34 10.38 -10.96
C LYS A 166 0.48 9.67 -12.38
C LYS A 166 0.40 9.93 -12.42
N ILE A 167 -0.70 9.34 -12.91
CA ILE A 167 -0.77 8.76 -14.25
C ILE A 167 -1.55 9.74 -15.12
N ASP A 168 -0.86 10.75 -15.65
CA ASP A 168 -1.50 11.81 -16.44
C ASP A 168 -1.78 11.39 -17.87
N PHE A 169 -1.04 10.39 -18.38
CA PHE A 169 -1.19 9.98 -19.76
C PHE A 169 -1.74 8.58 -19.88
N GLY A 170 -2.46 8.09 -18.87
CA GLY A 170 -3.01 6.75 -18.97
C GLY A 170 -1.99 5.67 -18.59
N ASN A 171 -0.69 5.98 -18.76
CA ASN A 171 0.31 5.01 -18.35
C ASN A 171 1.61 5.77 -18.05
N GLU A 172 2.51 5.07 -17.34
CA GLU A 172 3.81 5.59 -16.94
C GLU A 172 4.84 4.52 -17.29
N PHE A 173 6.01 4.95 -17.76
CA PHE A 173 7.05 3.97 -18.08
C PHE A 173 8.31 4.35 -17.31
N LYS A 174 8.41 3.75 -16.12
CA LYS A 174 9.53 4.11 -15.23
C LYS A 174 10.03 2.92 -14.42
N ASN A 175 11.09 3.15 -13.64
CA ASN A 175 11.66 2.14 -12.76
C ASN A 175 10.73 1.98 -11.56
N ILE A 176 9.68 1.19 -11.75
CA ILE A 176 8.70 0.93 -10.71
C ILE A 176 8.60 -0.58 -10.58
N PHE A 177 8.70 -1.08 -9.33
CA PHE A 177 8.64 -2.51 -9.06
C PHE A 177 8.62 -2.74 -7.54
N GLY A 178 7.53 -3.34 -7.04
CA GLY A 178 7.33 -3.61 -5.63
C GLY A 178 7.63 -5.07 -5.24
N THR A 179 6.78 -5.60 -4.34
CA THR A 179 6.96 -6.94 -3.79
C THR A 179 6.49 -7.99 -4.80
N PRO A 180 7.33 -8.97 -5.20
CA PRO A 180 6.96 -9.97 -6.20
C PRO A 180 5.58 -10.63 -6.08
N GLU A 181 5.17 -10.95 -4.86
CA GLU A 181 3.90 -11.64 -4.67
C GLU A 181 2.68 -10.82 -5.05
N PHE A 182 2.82 -9.49 -5.08
CA PHE A 182 1.67 -8.61 -5.29
C PHE A 182 1.75 -7.80 -6.58
N VAL A 183 2.86 -7.88 -7.33
CA VAL A 183 2.98 -7.07 -8.53
C VAL A 183 2.29 -7.75 -9.72
N ALA A 184 1.73 -6.88 -10.58
CA ALA A 184 1.02 -7.31 -11.78
C ALA A 184 1.98 -7.78 -12.86
N PRO A 185 1.52 -8.61 -13.82
CA PRO A 185 2.36 -9.06 -14.93
C PRO A 185 3.07 -7.94 -15.69
N GLU A 186 2.40 -6.80 -15.86
CA GLU A 186 2.99 -5.69 -16.58
C GLU A 186 4.21 -5.15 -15.84
N ILE A 187 4.23 -5.23 -14.50
CA ILE A 187 5.38 -4.81 -13.73
C ILE A 187 6.53 -5.80 -13.94
N VAL A 188 6.21 -7.10 -13.87
CA VAL A 188 7.20 -8.15 -14.08
C VAL A 188 7.86 -8.04 -15.44
N ASN A 189 7.06 -7.74 -16.46
CA ASN A 189 7.52 -7.65 -17.85
C ASN A 189 8.05 -6.26 -18.23
N TYR A 190 8.13 -5.33 -17.27
CA TYR A 190 8.65 -3.99 -17.54
C TYR A 190 7.89 -3.30 -18.67
N GLU A 191 6.56 -3.42 -18.64
CA GLU A 191 5.69 -2.79 -19.63
C GLU A 191 5.14 -1.49 -19.04
N PRO A 192 4.53 -0.60 -19.87
CA PRO A 192 3.94 0.63 -19.35
C PRO A 192 2.89 0.24 -18.31
N LEU A 193 2.81 1.04 -17.25
CA LEU A 193 1.95 0.77 -16.11
C LEU A 193 0.90 1.85 -15.97
N GLY A 194 -0.27 1.44 -15.48
CA GLY A 194 -1.35 2.37 -15.22
C GLY A 194 -2.06 1.97 -13.95
N LEU A 195 -3.27 2.49 -13.77
CA LEU A 195 -4.07 2.24 -12.58
C LEU A 195 -4.43 0.77 -12.44
N GLU A 196 -4.41 0.04 -13.55
CA GLU A 196 -4.84 -1.35 -13.58
C GLU A 196 -3.94 -2.23 -12.71
N ALA A 197 -2.69 -1.82 -12.48
CA ALA A 197 -1.75 -2.63 -11.70
C ALA A 197 -2.28 -2.81 -10.28
N ASP A 198 -2.87 -1.75 -9.75
CA ASP A 198 -3.44 -1.77 -8.42
C ASP A 198 -4.60 -2.77 -8.32
N MET A 199 -5.35 -2.93 -9.42
CA MET A 199 -6.52 -3.82 -9.40
C MET A 199 -6.05 -5.28 -9.31
N TRP A 200 -4.95 -5.60 -9.98
CA TRP A 200 -4.36 -6.92 -9.85
C TRP A 200 -3.98 -7.17 -8.37
N SER A 201 -3.29 -6.19 -7.76
CA SER A 201 -2.88 -6.32 -6.37
C SER A 201 -4.06 -6.62 -5.45
N ILE A 202 -5.19 -5.94 -5.69
CA ILE A 202 -6.40 -6.15 -4.92
C ILE A 202 -6.86 -7.60 -5.06
N GLY A 203 -6.75 -8.14 -6.28
CA GLY A 203 -7.11 -9.53 -6.50
C GLY A 203 -6.26 -10.46 -5.63
N VAL A 204 -4.95 -10.18 -5.57
CA VAL A 204 -4.04 -10.98 -4.75
C VAL A 204 -4.40 -10.86 -3.28
N ILE A 205 -4.60 -9.64 -2.79
CA ILE A 205 -5.02 -9.41 -1.42
C ILE A 205 -6.31 -10.17 -1.13
N THR A 206 -7.27 -10.16 -2.06
CA THR A 206 -8.54 -10.80 -1.79
C THR A 206 -8.35 -12.31 -1.65
N TYR A 207 -7.53 -12.91 -2.52
CA TYR A 207 -7.26 -14.34 -2.45
C TYR A 207 -6.69 -14.70 -1.07
N ILE A 208 -5.75 -13.86 -0.59
CA ILE A 208 -5.09 -14.06 0.69
C ILE A 208 -6.08 -13.93 1.84
N LEU A 209 -6.91 -12.90 1.78
CA LEU A 209 -7.88 -12.68 2.84
C LEU A 209 -8.78 -13.89 3.03
N LEU A 210 -9.20 -14.53 1.94
CA LEU A 210 -10.13 -15.64 2.01
C LEU A 210 -9.46 -16.98 2.31
N SER A 211 -8.16 -17.15 2.03
CA SER A 211 -7.57 -18.47 2.14
C SER A 211 -6.41 -18.56 3.13
N GLY A 212 -5.73 -17.44 3.37
CA GLY A 212 -4.53 -17.46 4.18
C GLY A 212 -3.33 -17.89 3.34
N ALA A 213 -3.53 -18.07 2.02
CA ALA A 213 -2.47 -18.51 1.12
C ALA A 213 -2.21 -17.49 0.02
N SER A 214 -0.95 -17.41 -0.44
CA SER A 214 -0.51 -16.47 -1.46
C SER A 214 -0.62 -17.16 -2.82
N PRO A 215 -1.34 -16.60 -3.82
CA PRO A 215 -1.60 -17.34 -5.05
C PRO A 215 -0.43 -17.65 -5.99
N PHE A 216 0.59 -16.79 -6.03
CA PHE A 216 1.68 -16.97 -6.97
C PHE A 216 3.01 -17.26 -6.29
N LEU A 217 3.00 -17.39 -4.96
CA LEU A 217 4.24 -17.54 -4.21
C LEU A 217 5.04 -18.79 -4.60
N GLY A 218 6.29 -18.56 -5.01
CA GLY A 218 7.25 -19.61 -5.31
C GLY A 218 8.31 -19.71 -4.21
N ASP A 219 9.30 -20.58 -4.39
CA ASP A 219 10.37 -20.74 -3.42
C ASP A 219 11.39 -19.61 -3.50
N THR A 220 11.46 -18.92 -4.63
CA THR A 220 12.38 -17.81 -4.81
C THR A 220 11.62 -16.64 -5.43
N LYS A 221 12.22 -15.45 -5.36
CA LYS A 221 11.58 -14.29 -5.94
C LYS A 221 11.39 -14.48 -7.44
N GLN A 222 12.40 -15.05 -8.10
CA GLN A 222 12.32 -15.20 -9.55
C GLN A 222 11.18 -16.15 -9.92
N GLU A 223 11.00 -17.23 -9.15
CA GLU A 223 9.91 -18.17 -9.40
C GLU A 223 8.56 -17.48 -9.18
N THR A 224 8.44 -16.65 -8.15
CA THR A 224 7.19 -15.91 -7.91
C THR A 224 6.85 -15.05 -9.13
N LEU A 225 7.84 -14.29 -9.60
CA LEU A 225 7.67 -13.38 -10.71
C LEU A 225 7.25 -14.16 -11.95
N ALA A 226 7.85 -15.35 -12.16
CA ALA A 226 7.53 -16.17 -13.31
C ALA A 226 6.08 -16.65 -13.24
N ASN A 227 5.64 -17.03 -12.04
CA ASN A 227 4.28 -17.49 -11.80
C ASN A 227 3.28 -16.37 -12.10
N VAL A 228 3.63 -15.16 -11.64
CA VAL A 228 2.81 -13.99 -11.88
C VAL A 228 2.66 -13.75 -13.38
N SER A 229 3.77 -13.76 -14.12
CA SER A 229 3.71 -13.46 -15.54
C SER A 229 2.91 -14.50 -16.32
N ALA A 230 2.94 -15.75 -15.86
CA ALA A 230 2.22 -16.83 -16.51
C ALA A 230 0.79 -16.95 -15.99
N VAL A 231 0.43 -16.16 -14.98
CA VAL A 231 -0.87 -16.21 -14.31
C VAL A 231 -1.06 -17.63 -13.81
N ASN A 232 -0.01 -18.15 -13.16
CA ASN A 232 -0.01 -19.50 -12.63
C ASN A 232 -0.56 -19.54 -11.21
N TYR A 233 -1.89 -19.57 -11.07
CA TYR A 233 -2.53 -19.72 -9.78
C TYR A 233 -3.80 -20.56 -9.98
N GLU A 234 -4.32 -21.13 -8.88
CA GLU A 234 -5.57 -21.88 -8.91
C GLU A 234 -6.21 -21.78 -7.52
N PHE A 235 -7.52 -22.02 -7.45
CA PHE A 235 -8.24 -22.02 -6.18
C PHE A 235 -8.19 -23.41 -5.56
N GLU A 236 -7.28 -23.63 -4.61
CA GLU A 236 -7.14 -24.95 -3.98
C GLU A 236 -8.40 -25.29 -3.21
N ASP A 237 -8.99 -26.46 -3.51
CA ASP A 237 -10.22 -26.90 -2.85
C ASP A 237 -10.07 -26.91 -1.33
N GLU A 238 -8.88 -27.27 -0.84
CA GLU A 238 -8.64 -27.36 0.59
C GLU A 238 -8.89 -26.01 1.27
N TYR A 239 -8.65 -24.93 0.51
CA TYR A 239 -8.82 -23.60 1.06
C TYR A 239 -10.09 -22.91 0.58
N PHE A 240 -10.65 -23.33 -0.57
CA PHE A 240 -11.76 -22.61 -1.14
C PHE A 240 -13.05 -23.41 -1.28
N SER A 241 -13.09 -24.65 -0.77
CA SER A 241 -14.25 -25.53 -0.92
C SER A 241 -15.55 -24.89 -0.41
N ASN A 242 -15.47 -24.06 0.63
CA ASN A 242 -16.69 -23.42 1.11
C ASN A 242 -16.70 -21.91 0.81
N THR A 243 -15.90 -21.46 -0.17
CA THR A 243 -15.91 -20.07 -0.59
C THR A 243 -16.96 -19.94 -1.69
N SER A 244 -17.72 -18.83 -1.72
CA SER A 244 -18.76 -18.66 -2.73
C SER A 244 -18.16 -18.55 -4.13
N ALA A 245 -18.95 -18.99 -5.12
CA ALA A 245 -18.55 -18.88 -6.51
C ALA A 245 -18.38 -17.41 -6.89
N LEU A 246 -19.19 -16.52 -6.29
CA LEU A 246 -19.13 -15.11 -6.61
C LEU A 246 -17.83 -14.48 -6.11
N ALA A 247 -17.34 -14.95 -4.96
CA ALA A 247 -16.08 -14.46 -4.44
C ALA A 247 -14.94 -14.84 -5.40
N LYS A 248 -14.98 -16.08 -5.89
CA LYS A 248 -14.00 -16.57 -6.84
C LYS A 248 -14.10 -15.78 -8.15
N ASP A 249 -15.32 -15.43 -8.56
CA ASP A 249 -15.56 -14.67 -9.78
C ASP A 249 -14.85 -13.32 -9.68
N PHE A 250 -15.00 -12.66 -8.52
CA PHE A 250 -14.40 -11.38 -8.27
C PHE A 250 -12.88 -11.45 -8.45
N ILE A 251 -12.26 -12.45 -7.80
CA ILE A 251 -10.82 -12.64 -7.90
C ILE A 251 -10.41 -12.89 -9.36
N ARG A 252 -11.14 -13.79 -10.04
CA ARG A 252 -10.82 -14.14 -11.41
C ARG A 252 -10.83 -12.95 -12.36
N ARG A 253 -11.69 -11.98 -12.11
CA ARG A 253 -11.79 -10.84 -13.01
C ARG A 253 -10.71 -9.79 -12.73
N LEU A 254 -9.96 -9.97 -11.63
CA LEU A 254 -8.85 -9.07 -11.30
C LEU A 254 -7.51 -9.69 -11.71
N LEU A 255 -7.39 -11.01 -11.58
CA LEU A 255 -6.14 -11.69 -11.90
C LEU A 255 -6.13 -12.08 -13.37
N VAL A 256 -6.14 -11.04 -14.21
CA VAL A 256 -6.17 -11.13 -15.66
C VAL A 256 -4.88 -10.48 -16.16
N LYS A 257 -4.16 -11.17 -17.04
N LYS A 257 -4.16 -11.15 -17.05
CA LYS A 257 -2.87 -10.73 -17.56
CA LYS A 257 -2.85 -10.66 -17.50
C LYS A 257 -3.00 -9.40 -18.31
C LYS A 257 -2.99 -9.37 -18.30
N ASP A 258 -3.94 -9.34 -19.25
CA ASP A 258 -4.15 -8.15 -20.07
C ASP A 258 -4.82 -7.07 -19.22
N PRO A 259 -4.10 -5.96 -18.92
CA PRO A 259 -4.65 -4.90 -18.07
C PRO A 259 -5.94 -4.31 -18.61
N LYS A 260 -6.09 -4.30 -19.93
CA LYS A 260 -7.28 -3.75 -20.58
C LYS A 260 -8.51 -4.63 -20.33
N LYS A 261 -8.30 -5.89 -19.97
CA LYS A 261 -9.43 -6.78 -19.72
C LYS A 261 -9.71 -6.96 -18.22
N ARG A 262 -8.90 -6.35 -17.36
CA ARG A 262 -9.07 -6.51 -15.92
C ARG A 262 -10.14 -5.54 -15.43
N MET A 263 -10.88 -5.92 -14.38
CA MET A 263 -11.87 -5.00 -13.84
C MET A 263 -11.20 -3.71 -13.36
N THR A 264 -11.91 -2.59 -13.56
CA THR A 264 -11.49 -1.28 -13.08
C THR A 264 -12.01 -1.14 -11.65
N ILE A 265 -11.59 -0.06 -10.96
CA ILE A 265 -12.03 0.16 -9.59
C ILE A 265 -13.56 0.35 -9.58
N GLN A 266 -14.08 1.09 -10.55
CA GLN A 266 -15.53 1.29 -10.65
C GLN A 266 -16.25 -0.03 -10.86
N ASP A 267 -15.69 -0.90 -11.71
CA ASP A 267 -16.33 -2.18 -11.96
C ASP A 267 -16.33 -3.04 -10.69
N SER A 268 -15.24 -2.99 -9.91
N SER A 268 -15.23 -2.99 -9.93
CA SER A 268 -15.10 -3.80 -8.70
CA SER A 268 -15.10 -3.79 -8.71
C SER A 268 -16.16 -3.39 -7.69
C SER A 268 -16.16 -3.39 -7.69
N LEU A 269 -16.47 -2.09 -7.63
CA LEU A 269 -17.46 -1.59 -6.70
C LEU A 269 -18.87 -1.97 -7.13
N GLN A 270 -19.08 -2.27 -8.42
CA GLN A 270 -20.40 -2.66 -8.91
C GLN A 270 -20.53 -4.18 -9.02
N HIS A 271 -19.44 -4.92 -8.76
CA HIS A 271 -19.46 -6.36 -8.87
C HIS A 271 -20.48 -6.91 -7.87
N PRO A 272 -21.26 -7.95 -8.22
CA PRO A 272 -22.29 -8.48 -7.31
C PRO A 272 -21.86 -8.95 -5.92
N TRP A 273 -20.60 -9.36 -5.77
CA TRP A 273 -20.07 -9.78 -4.48
C TRP A 273 -19.89 -8.57 -3.57
N ILE A 274 -19.64 -7.41 -4.18
CA ILE A 274 -19.35 -6.20 -3.40
C ILE A 274 -20.59 -5.32 -3.27
N LYS A 275 -21.27 -5.07 -4.40
CA LYS A 275 -22.43 -4.20 -4.45
C LYS A 275 -23.50 -4.74 -3.50
N PRO A 276 -23.90 -3.97 -2.47
CA PRO A 276 -24.89 -4.42 -1.48
C PRO A 276 -26.33 -4.38 -1.99
#